data_7IFE
#
_entry.id   7IFE
#
_cell.length_a   45.340
_cell.length_b   72.930
_cell.length_c   52.530
_cell.angle_alpha   90.00
_cell.angle_beta   109.45
_cell.angle_gamma   90.00
#
_symmetry.space_group_name_H-M   'P 1 21 1'
#
loop_
_entity.id
_entity.type
_entity.pdbx_description
1 polymer Endothiapepsin
2 non-polymer N-(2-aminoethyl)thiophene-2-carboxamide
3 water water
#
_entity_poly.entity_id   1
_entity_poly.type   'polypeptide(L)'
_entity_poly.pdbx_seq_one_letter_code
;STGSATTTPIDSLDDAYITPVQIGTPAQTLNLDFDTGSSDLWVFSSETTASEVDGQTIYTPSKSTTAKLLSGATWSISYG
DGSSSSGDVYTDTVSVGGLTVTGQAVESAKKVSSSFTEDSTIDGLLGLAFSTLNTVSPTQQKTFFDNAKASLDSPVFTAD
LGYHAPGTYNFGFIDTTAYTGSITYTAVSTKQGFWEWTSTGYAVGSGTFKSTSIDGIADTGTTLLYLPATVVSAYWAQVS
GAKSSSSVGGYVFPCSATLPSFTFGVGSARIVIPGDYIDFGPISTGSSSCFGGIQSSAGIGINIFGDVALKAAFVVFNGA
TTPTLGFASK
;
_entity_poly.pdbx_strand_id   A
#
loop_
_chem_comp.id
_chem_comp.type
_chem_comp.name
_chem_comp.formula
A1CDT non-polymer N-(2-aminoethyl)thiophene-2-carboxamide 'C7 H10 N2 O S'
#
# COMPACT_ATOMS: atom_id res chain seq x y z
N SER A 1 -16.17 -20.60 1.97
CA SER A 1 -15.08 -20.43 2.98
C SER A 1 -14.82 -18.93 3.12
N THR A 2 -14.14 -18.57 4.20
CA THR A 2 -13.64 -17.19 4.40
C THR A 2 -12.27 -17.29 5.04
N GLY A 3 -11.57 -16.15 5.02
CA GLY A 3 -10.38 -15.99 5.84
C GLY A 3 -10.32 -14.59 6.39
N SER A 4 -9.60 -14.38 7.47
CA SER A 4 -9.47 -13.08 8.13
C SER A 4 -8.11 -13.01 8.80
N ALA A 5 -7.27 -12.05 8.44
CA ALA A 5 -5.92 -11.94 9.00
C ALA A 5 -5.67 -10.51 9.38
N THR A 6 -4.95 -10.29 10.46
CA THR A 6 -4.53 -8.96 10.87
C THR A 6 -3.29 -8.57 10.10
N THR A 7 -3.25 -7.31 9.68
CA THR A 7 -2.11 -6.68 8.98
C THR A 7 -1.53 -5.59 9.88
N THR A 8 -0.20 -5.54 9.96
CA THR A 8 0.47 -4.73 10.99
C THR A 8 1.49 -3.85 10.30
N PRO A 9 1.53 -2.54 10.62
N PRO A 9 1.53 -2.54 10.60
N PRO A 9 1.54 -2.54 10.62
N PRO A 9 1.53 -2.54 10.60
CA PRO A 9 2.56 -1.68 10.04
CA PRO A 9 2.59 -1.69 10.05
CA PRO A 9 2.56 -1.68 10.04
CA PRO A 9 2.59 -1.69 10.06
C PRO A 9 3.97 -2.17 10.43
C PRO A 9 3.98 -2.20 10.42
C PRO A 9 3.97 -2.17 10.43
C PRO A 9 3.98 -2.20 10.42
N ILE A 10 4.91 -2.09 9.49
CA ILE A 10 6.29 -2.55 9.72
C ILE A 10 7.09 -1.59 10.56
N ASP A 11 6.64 -0.35 10.69
N ASP A 11 6.64 -0.35 10.69
N ASP A 11 6.67 -0.34 10.65
N ASP A 11 6.67 -0.34 10.65
CA ASP A 11 7.38 0.69 11.44
CA ASP A 11 7.38 0.69 11.44
CA ASP A 11 7.44 0.72 11.35
CA ASP A 11 7.44 0.72 11.35
C ASP A 11 6.42 1.80 11.85
C ASP A 11 6.42 1.80 11.85
C ASP A 11 6.51 1.86 11.72
C ASP A 11 6.51 1.86 11.73
N SER A 12 6.92 2.82 12.52
N SER A 12 6.92 2.82 12.52
N SER A 12 7.10 2.89 12.32
N SER A 12 7.09 2.90 12.33
CA SER A 12 6.08 3.87 13.15
CA SER A 12 6.08 3.87 13.15
CA SER A 12 6.37 4.07 12.86
CA SER A 12 6.37 4.07 12.86
C SER A 12 5.47 4.82 12.11
C SER A 12 5.47 4.82 12.11
C SER A 12 5.80 4.93 11.72
C SER A 12 5.79 4.93 11.74
N LEU A 13 5.91 4.73 10.84
N LEU A 13 5.91 4.73 10.84
N LEU A 13 6.23 4.73 10.48
N LEU A 13 6.24 4.74 10.48
CA LEU A 13 5.41 5.60 9.75
CA LEU A 13 5.41 5.60 9.75
CA LEU A 13 5.82 5.59 9.34
CA LEU A 13 5.82 5.59 9.35
C LEU A 13 4.35 4.91 8.89
C LEU A 13 4.35 4.91 8.89
C LEU A 13 4.69 4.92 8.56
C LEU A 13 4.69 4.93 8.55
N ASP A 14 4.09 3.62 9.09
N ASP A 14 4.09 3.62 9.09
N ASP A 14 4.24 3.72 8.95
N ASP A 14 4.24 3.72 8.95
CA ASP A 14 3.26 2.80 8.16
CA ASP A 14 3.26 2.80 8.16
CA ASP A 14 3.32 2.89 8.12
CA ASP A 14 3.32 2.89 8.12
C ASP A 14 3.92 2.74 6.78
C ASP A 14 3.92 2.74 6.78
C ASP A 14 3.94 2.75 6.73
C ASP A 14 3.94 2.74 6.73
N ASP A 15 5.24 2.48 6.67
CA ASP A 15 5.89 2.37 5.36
C ASP A 15 5.34 1.19 4.55
N ALA A 16 4.85 0.17 5.22
CA ALA A 16 4.23 -1.00 4.59
C ALA A 16 3.57 -1.75 5.72
N TYR A 17 2.81 -2.75 5.38
CA TYR A 17 2.06 -3.61 6.29
C TYR A 17 2.41 -5.07 6.00
N ILE A 18 2.55 -5.84 7.05
CA ILE A 18 2.81 -7.28 6.95
C ILE A 18 1.69 -8.09 7.55
N THR A 19 1.44 -9.23 6.93
CA THR A 19 0.34 -10.12 7.25
C THR A 19 0.91 -11.52 7.34
N PRO A 20 0.68 -12.27 8.45
CA PRO A 20 1.24 -13.61 8.52
C PRO A 20 0.52 -14.56 7.56
N VAL A 21 1.33 -15.42 6.95
CA VAL A 21 0.88 -16.39 5.93
C VAL A 21 1.51 -17.73 6.26
N GLN A 22 0.68 -18.78 6.29
CA GLN A 22 1.19 -20.15 6.53
C GLN A 22 1.49 -20.82 5.20
N ILE A 23 2.71 -21.31 5.04
CA ILE A 23 3.14 -22.00 3.79
C ILE A 23 3.66 -23.38 4.15
N GLY A 24 3.17 -24.38 3.47
CA GLY A 24 3.75 -25.73 3.63
C GLY A 24 3.17 -26.55 4.72
N THR A 25 3.75 -27.76 4.86
CA THR A 25 3.30 -28.77 5.85
C THR A 25 4.53 -29.39 6.47
N PRO A 26 4.81 -29.26 7.77
CA PRO A 26 4.06 -28.40 8.70
C PRO A 26 4.18 -26.93 8.28
N ALA A 27 3.29 -26.09 8.81
CA ALA A 27 3.23 -24.69 8.40
C ALA A 27 4.56 -24.00 8.69
N GLN A 28 4.99 -23.17 7.75
CA GLN A 28 6.06 -22.19 7.94
C GLN A 28 5.40 -20.84 7.83
N THR A 29 5.44 -20.03 8.85
CA THR A 29 4.73 -18.74 8.87
C THR A 29 5.71 -17.66 8.48
N LEU A 30 5.39 -16.97 7.38
CA LEU A 30 6.17 -15.83 6.88
C LEU A 30 5.27 -14.59 6.91
N ASN A 31 5.88 -13.45 7.09
CA ASN A 31 5.15 -12.16 7.14
C ASN A 31 5.27 -11.49 5.79
N LEU A 32 4.15 -11.47 5.05
CA LEU A 32 4.19 -11.02 3.65
C LEU A 32 3.50 -9.68 3.52
N ASP A 33 3.96 -8.93 2.52
CA ASP A 33 3.39 -7.64 2.16
C ASP A 33 2.30 -7.90 1.13
N PHE A 34 1.06 -7.79 1.51
CA PHE A 34 -0.07 -7.99 0.59
C PHE A 34 -0.14 -6.79 -0.35
N ASP A 35 -0.08 -7.06 -1.65
CA ASP A 35 0.21 -6.03 -2.65
C ASP A 35 -0.85 -6.09 -3.74
N THR A 36 -1.86 -5.24 -3.67
CA THR A 36 -2.92 -5.21 -4.72
C THR A 36 -2.42 -4.55 -6.00
N GLY A 37 -1.15 -4.18 -6.07
CA GLY A 37 -0.55 -3.66 -7.30
C GLY A 37 0.38 -4.64 -8.00
N SER A 38 0.47 -5.90 -7.58
CA SER A 38 1.27 -6.92 -8.29
C SER A 38 0.62 -8.27 -8.10
N SER A 39 1.16 -9.27 -8.78
CA SER A 39 0.43 -10.55 -8.91
C SER A 39 1.31 -11.76 -8.69
N ASP A 40 2.44 -11.59 -8.00
CA ASP A 40 3.35 -12.70 -7.68
C ASP A 40 3.34 -12.90 -6.17
N LEU A 41 3.26 -14.13 -5.71
CA LEU A 41 3.49 -14.50 -4.30
C LEU A 41 4.90 -15.03 -4.26
N TRP A 42 5.84 -14.26 -3.73
CA TRP A 42 7.24 -14.67 -3.67
C TRP A 42 7.76 -14.52 -2.25
N VAL A 43 8.71 -15.35 -1.91
CA VAL A 43 9.26 -15.41 -0.55
C VAL A 43 10.76 -15.49 -0.54
N PHE A 44 11.35 -14.91 0.48
CA PHE A 44 12.72 -15.29 0.91
C PHE A 44 12.69 -16.77 1.21
N SER A 45 13.78 -17.45 0.87
CA SER A 45 13.79 -18.91 0.95
C SER A 45 15.20 -19.41 1.28
N SER A 46 15.26 -20.73 1.42
CA SER A 46 16.53 -21.46 1.56
C SER A 46 17.36 -21.35 0.29
N GLU A 47 16.78 -20.91 -0.82
CA GLU A 47 17.49 -20.74 -2.11
C GLU A 47 18.03 -19.33 -2.24
N THR A 48 17.62 -18.39 -1.40
CA THR A 48 18.04 -16.99 -1.59
C THR A 48 19.57 -16.89 -1.32
N THR A 49 20.27 -16.23 -2.22
CA THR A 49 21.71 -15.91 -2.03
C THR A 49 21.94 -15.45 -0.58
N ALA A 50 22.85 -16.11 0.12
CA ALA A 50 22.98 -15.97 1.58
C ALA A 50 23.28 -14.52 1.95
N SER A 51 24.14 -13.84 1.20
CA SER A 51 24.52 -12.43 1.44
C SER A 51 23.34 -11.46 1.25
N GLU A 52 22.24 -11.90 0.64
CA GLU A 52 21.03 -11.08 0.41
C GLU A 52 19.96 -11.34 1.45
N VAL A 53 20.19 -12.18 2.42
CA VAL A 53 19.25 -12.43 3.55
C VAL A 53 19.85 -11.73 4.77
N ASP A 54 19.09 -10.88 5.41
CA ASP A 54 19.51 -10.19 6.66
C ASP A 54 18.32 -10.08 7.60
N GLY A 55 17.97 -11.16 8.25
CA GLY A 55 16.98 -11.14 9.33
C GLY A 55 15.61 -11.64 8.90
N GLN A 56 15.37 -11.82 7.60
CA GLN A 56 14.02 -12.32 7.15
C GLN A 56 13.85 -13.75 7.58
N THR A 57 12.60 -14.16 7.74
CA THR A 57 12.23 -15.58 7.87
C THR A 57 12.19 -16.19 6.47
N ILE A 58 12.76 -17.36 6.30
CA ILE A 58 12.82 -18.02 4.98
C ILE A 58 11.87 -19.20 4.93
N TYR A 59 11.35 -19.42 3.73
CA TYR A 59 10.63 -20.65 3.38
C TYR A 59 11.67 -21.69 2.93
N THR A 60 11.60 -22.88 3.50
CA THR A 60 12.48 -24.01 3.12
C THR A 60 11.61 -25.10 2.50
N PRO A 61 11.51 -25.17 1.16
CA PRO A 61 10.62 -26.16 0.56
C PRO A 61 10.96 -27.62 0.88
N SER A 62 12.24 -27.90 1.13
CA SER A 62 12.64 -29.28 1.43
C SER A 62 12.08 -29.74 2.77
N LYS A 63 11.63 -28.83 3.62
CA LYS A 63 11.03 -29.18 4.93
C LYS A 63 9.52 -29.28 4.83
N SER A 64 8.92 -29.05 3.68
CA SER A 64 7.46 -29.15 3.51
C SER A 64 7.13 -30.40 2.71
N THR A 65 6.29 -31.22 3.30
CA THR A 65 5.87 -32.50 2.70
C THR A 65 4.93 -32.29 1.53
N THR A 66 4.37 -31.08 1.39
CA THR A 66 3.40 -30.75 0.33
C THR A 66 4.08 -29.91 -0.76
N ALA A 67 5.34 -29.53 -0.59
CA ALA A 67 6.02 -28.71 -1.62
C ALA A 67 6.36 -29.59 -2.82
N LYS A 68 6.12 -29.06 -4.02
N LYS A 68 6.11 -29.07 -4.02
N LYS A 68 6.12 -29.06 -4.02
N LYS A 68 6.11 -29.07 -4.02
CA LYS A 68 6.55 -29.71 -5.28
CA LYS A 68 6.56 -29.72 -5.27
CA LYS A 68 6.55 -29.71 -5.28
CA LYS A 68 6.56 -29.72 -5.27
C LYS A 68 7.22 -28.67 -6.16
C LYS A 68 7.21 -28.67 -6.16
C LYS A 68 7.22 -28.67 -6.16
C LYS A 68 7.21 -28.67 -6.16
N LEU A 69 8.39 -28.97 -6.71
CA LEU A 69 9.03 -28.07 -7.67
C LEU A 69 8.09 -27.94 -8.86
N LEU A 70 7.84 -26.74 -9.34
CA LEU A 70 7.09 -26.51 -10.59
C LEU A 70 8.18 -26.49 -11.67
N SER A 71 8.36 -27.65 -12.29
N SER A 71 8.40 -27.66 -12.29
N SER A 71 8.36 -27.65 -12.29
N SER A 71 8.40 -27.66 -12.29
CA SER A 71 9.58 -27.91 -13.11
CA SER A 71 9.60 -27.94 -13.11
CA SER A 71 9.58 -27.91 -13.11
CA SER A 71 9.60 -27.94 -13.11
C SER A 71 9.68 -26.94 -14.27
C SER A 71 9.70 -26.98 -14.29
C SER A 71 9.68 -26.94 -14.27
C SER A 71 9.70 -26.98 -14.29
N GLY A 72 10.83 -26.27 -14.40
CA GLY A 72 11.11 -25.36 -15.50
C GLY A 72 10.65 -23.97 -15.28
N ALA A 73 9.85 -23.73 -14.26
CA ALA A 73 9.26 -22.40 -14.11
C ALA A 73 10.21 -21.44 -13.40
N THR A 74 10.31 -20.24 -13.94
CA THR A 74 11.12 -19.17 -13.31
C THR A 74 10.26 -17.92 -13.25
N TRP A 75 10.74 -16.97 -12.46
CA TRP A 75 10.03 -15.68 -12.31
C TRP A 75 11.06 -14.59 -12.12
N SER A 76 10.65 -13.39 -12.47
CA SER A 76 11.53 -12.21 -12.32
C SER A 76 10.65 -10.99 -12.37
N ILE A 77 10.77 -10.12 -11.36
CA ILE A 77 9.87 -8.95 -11.28
C ILE A 77 10.67 -7.71 -10.90
N SER A 78 10.26 -6.60 -11.50
CA SER A 78 10.86 -5.26 -11.26
C SER A 78 9.72 -4.36 -10.86
N TYR A 79 9.76 -3.81 -9.68
CA TYR A 79 8.69 -2.92 -9.16
C TYR A 79 8.96 -1.47 -9.56
N GLY A 80 7.90 -0.66 -9.48
CA GLY A 80 7.92 0.78 -9.81
C GLY A 80 8.90 1.54 -8.97
N ASP A 81 9.27 1.05 -7.78
CA ASP A 81 10.22 1.73 -6.86
C ASP A 81 11.68 1.36 -7.19
N GLY A 82 11.94 0.55 -8.22
CA GLY A 82 13.32 0.19 -8.59
C GLY A 82 13.80 -1.11 -7.99
N SER A 83 13.02 -1.71 -7.08
CA SER A 83 13.39 -2.98 -6.41
C SER A 83 13.00 -4.15 -7.33
N SER A 84 13.65 -5.28 -7.07
CA SER A 84 13.47 -6.49 -7.92
C SER A 84 13.82 -7.75 -7.18
N SER A 85 13.32 -8.86 -7.73
CA SER A 85 13.59 -10.21 -7.21
C SER A 85 13.30 -11.22 -8.33
N SER A 86 13.88 -12.38 -8.15
CA SER A 86 13.73 -13.45 -9.16
C SER A 86 14.05 -14.80 -8.54
N GLY A 87 13.60 -15.87 -9.21
CA GLY A 87 13.93 -17.21 -8.75
C GLY A 87 13.17 -18.28 -9.49
N ASP A 88 12.93 -19.37 -8.75
CA ASP A 88 12.20 -20.55 -9.27
C ASP A 88 10.90 -20.73 -8.52
N VAL A 89 10.17 -21.81 -8.73
CA VAL A 89 8.77 -21.86 -8.28
C VAL A 89 8.48 -23.25 -7.72
N TYR A 90 7.79 -23.29 -6.60
CA TYR A 90 7.18 -24.49 -6.00
C TYR A 90 5.69 -24.32 -5.99
N THR A 91 4.95 -25.41 -5.94
CA THR A 91 3.55 -25.34 -5.50
C THR A 91 3.49 -25.86 -4.10
N ASP A 92 2.60 -25.29 -3.28
CA ASP A 92 2.47 -25.73 -1.87
C ASP A 92 1.12 -25.24 -1.38
N THR A 93 0.82 -25.66 -0.17
CA THR A 93 -0.40 -25.25 0.54
C THR A 93 -0.14 -23.93 1.21
N VAL A 94 -1.01 -22.96 0.97
CA VAL A 94 -0.88 -21.59 1.52
C VAL A 94 -2.18 -21.25 2.22
N SER A 95 -2.09 -20.80 3.48
CA SER A 95 -3.27 -20.36 4.25
C SER A 95 -3.09 -18.95 4.73
N VAL A 96 -4.15 -18.18 4.63
CA VAL A 96 -4.23 -16.79 5.12
C VAL A 96 -5.41 -16.70 6.04
N GLY A 97 -5.20 -16.47 7.34
CA GLY A 97 -6.33 -16.18 8.22
C GLY A 97 -7.32 -17.31 8.23
N GLY A 98 -6.92 -18.57 8.10
CA GLY A 98 -7.84 -19.71 8.11
C GLY A 98 -8.31 -20.14 6.75
N LEU A 99 -8.07 -19.41 5.68
CA LEU A 99 -8.47 -19.76 4.30
C LEU A 99 -7.30 -20.46 3.62
N THR A 100 -7.50 -21.70 3.14
CA THR A 100 -6.42 -22.53 2.61
C THR A 100 -6.59 -22.69 1.11
N VAL A 101 -5.50 -22.53 0.38
CA VAL A 101 -5.40 -22.91 -1.06
C VAL A 101 -4.34 -23.98 -1.19
N THR A 102 -4.71 -25.08 -1.82
CA THR A 102 -3.71 -26.10 -2.20
C THR A 102 -3.19 -25.82 -3.60
N GLY A 103 -1.95 -26.18 -3.85
CA GLY A 103 -1.36 -26.03 -5.18
C GLY A 103 -1.08 -24.57 -5.53
N GLN A 104 -0.92 -23.68 -4.57
CA GLN A 104 -0.56 -22.29 -4.85
C GLN A 104 0.88 -22.21 -5.34
N ALA A 105 1.12 -21.42 -6.37
CA ALA A 105 2.49 -21.11 -6.81
C ALA A 105 3.15 -20.24 -5.74
N VAL A 106 4.23 -20.74 -5.16
CA VAL A 106 5.07 -20.02 -4.18
C VAL A 106 6.39 -19.79 -4.88
N GLU A 107 6.68 -18.55 -5.22
CA GLU A 107 7.84 -18.17 -6.02
C GLU A 107 9.00 -18.00 -5.06
N SER A 108 10.02 -18.84 -5.16
CA SER A 108 11.16 -18.87 -4.23
C SER A 108 12.24 -17.97 -4.75
N ALA A 109 12.65 -16.95 -3.99
CA ALA A 109 13.68 -16.02 -4.50
C ALA A 109 15.06 -16.67 -4.45
N LYS A 110 15.73 -16.60 -5.57
CA LYS A 110 17.19 -16.84 -5.59
C LYS A 110 17.94 -15.53 -5.42
N LYS A 111 17.40 -14.42 -5.92
CA LYS A 111 18.01 -13.10 -5.84
C LYS A 111 16.96 -12.10 -5.42
N VAL A 112 17.37 -11.17 -4.56
CA VAL A 112 16.54 -10.01 -4.21
C VAL A 112 17.44 -8.77 -4.26
N SER A 113 16.87 -7.63 -4.59
CA SER A 113 17.61 -6.34 -4.63
C SER A 113 17.83 -5.83 -3.22
N SER A 114 18.77 -4.89 -3.12
CA SER A 114 19.26 -4.38 -1.82
C SER A 114 18.11 -3.88 -0.92
N SER A 115 17.11 -3.22 -1.45
CA SER A 115 16.04 -2.66 -0.60
C SER A 115 15.26 -3.79 0.09
N PHE A 116 15.09 -4.94 -0.56
CA PHE A 116 14.47 -6.11 0.12
C PHE A 116 15.38 -6.62 1.22
N THR A 117 16.67 -6.84 0.96
CA THR A 117 17.61 -7.33 1.95
C THR A 117 17.59 -6.45 3.20
N GLU A 118 17.56 -5.15 2.95
CA GLU A 118 17.70 -4.12 4.01
C GLU A 118 16.44 -4.01 4.84
N ASP A 119 15.33 -4.59 4.42
CA ASP A 119 14.08 -4.57 5.19
C ASP A 119 13.86 -5.93 5.85
N SER A 120 14.29 -6.12 7.06
CA SER A 120 14.25 -7.42 7.76
C SER A 120 12.82 -7.84 8.07
N THR A 121 11.88 -6.92 8.01
CA THR A 121 10.47 -7.18 8.48
C THR A 121 9.59 -7.78 7.40
N ILE A 122 10.00 -7.73 6.14
CA ILE A 122 9.18 -8.25 5.02
C ILE A 122 9.79 -9.51 4.46
N ASP A 123 9.11 -10.63 4.60
CA ASP A 123 9.62 -11.96 4.18
C ASP A 123 9.22 -12.28 2.76
N GLY A 124 8.50 -11.40 2.08
CA GLY A 124 8.08 -11.59 0.71
C GLY A 124 6.80 -10.85 0.45
N LEU A 125 6.25 -11.03 -0.74
CA LEU A 125 5.04 -10.31 -1.20
C LEU A 125 3.98 -11.33 -1.53
N LEU A 126 2.73 -10.95 -1.31
CA LEU A 126 1.59 -11.73 -1.77
C LEU A 126 0.77 -10.83 -2.68
N GLY A 127 0.85 -11.09 -3.98
CA GLY A 127 0.21 -10.20 -4.98
C GLY A 127 -1.28 -10.46 -5.06
N LEU A 128 -2.04 -9.37 -5.19
CA LEU A 128 -3.51 -9.40 -5.22
C LEU A 128 -4.05 -8.59 -6.40
N ALA A 129 -3.22 -8.20 -7.33
CA ALA A 129 -3.68 -7.65 -8.61
C ALA A 129 -4.13 -8.83 -9.51
N PHE A 130 -4.45 -8.55 -10.77
CA PHE A 130 -5.05 -9.58 -11.64
C PHE A 130 -3.92 -10.50 -12.11
N SER A 131 -4.28 -11.78 -12.31
CA SER A 131 -3.27 -12.82 -12.60
C SER A 131 -2.58 -12.61 -13.94
N THR A 132 -3.14 -11.79 -14.80
CA THR A 132 -2.50 -11.41 -16.08
C THR A 132 -1.17 -10.73 -15.85
N LEU A 133 -0.88 -10.15 -14.67
CA LEU A 133 0.48 -9.57 -14.38
C LEU A 133 1.46 -10.57 -13.80
N ASN A 134 1.06 -11.80 -13.50
CA ASN A 134 2.00 -12.73 -12.86
C ASN A 134 3.20 -13.00 -13.76
N THR A 135 4.38 -13.04 -13.22
CA THR A 135 5.61 -13.10 -14.05
C THR A 135 6.10 -14.53 -14.28
N VAL A 136 5.47 -15.57 -13.75
CA VAL A 136 6.05 -16.92 -13.94
C VAL A 136 6.03 -17.29 -15.41
N SER A 137 7.14 -17.85 -15.84
CA SER A 137 7.37 -18.33 -17.21
C SER A 137 7.88 -19.76 -17.15
N PRO A 138 7.49 -20.62 -18.11
CA PRO A 138 6.64 -20.33 -19.25
C PRO A 138 5.14 -20.45 -19.08
N THR A 139 4.71 -20.84 -17.88
CA THR A 139 3.31 -21.05 -17.55
C THR A 139 2.94 -20.02 -16.47
N GLN A 140 2.17 -19.04 -16.84
CA GLN A 140 1.75 -17.99 -15.90
C GLN A 140 0.92 -18.66 -14.80
N GLN A 141 1.09 -18.14 -13.57
CA GLN A 141 0.40 -18.67 -12.38
C GLN A 141 -0.66 -17.71 -11.84
N LYS A 142 -1.60 -18.28 -11.12
CA LYS A 142 -2.69 -17.49 -10.52
C LYS A 142 -2.35 -16.99 -9.13
N THR A 143 -2.92 -15.84 -8.81
CA THR A 143 -2.81 -15.29 -7.44
C THR A 143 -3.50 -16.19 -6.42
N PHE A 144 -3.20 -15.94 -5.16
CA PHE A 144 -3.87 -16.62 -4.04
C PHE A 144 -5.37 -16.33 -4.12
N PHE A 145 -5.76 -15.07 -4.40
CA PHE A 145 -7.20 -14.71 -4.48
C PHE A 145 -7.86 -15.44 -5.64
N ASP A 146 -7.22 -15.46 -6.78
CA ASP A 146 -7.82 -16.14 -7.95
C ASP A 146 -7.98 -17.63 -7.65
N ASN A 147 -7.03 -18.27 -7.02
CA ASN A 147 -7.15 -19.70 -6.68
C ASN A 147 -8.23 -19.90 -5.63
N ALA A 148 -8.39 -19.01 -4.68
CA ALA A 148 -9.40 -19.14 -3.60
C ALA A 148 -10.82 -18.84 -4.04
N LYS A 149 -11.01 -18.04 -5.09
N LYS A 149 -10.97 -18.05 -5.09
N LYS A 149 -11.01 -18.04 -5.09
N LYS A 149 -10.97 -18.05 -5.09
CA LYS A 149 -12.27 -17.25 -5.25
CA LYS A 149 -12.22 -17.30 -5.38
CA LYS A 149 -12.27 -17.25 -5.25
CA LYS A 149 -12.22 -17.30 -5.38
C LYS A 149 -13.49 -18.15 -5.50
C LYS A 149 -13.43 -18.25 -5.37
C LYS A 149 -13.49 -18.15 -5.50
C LYS A 149 -13.43 -18.25 -5.37
N ALA A 150 -13.33 -19.34 -6.10
CA ALA A 150 -14.48 -20.23 -6.36
C ALA A 150 -14.96 -20.78 -5.01
N SER A 151 -14.07 -20.99 -4.04
CA SER A 151 -14.38 -21.57 -2.71
C SER A 151 -14.96 -20.53 -1.77
N LEU A 152 -14.73 -19.24 -2.04
CA LEU A 152 -15.15 -18.21 -1.09
C LEU A 152 -16.66 -18.04 -1.03
N ASP A 153 -17.19 -17.61 0.08
CA ASP A 153 -18.63 -17.35 0.22
C ASP A 153 -19.08 -16.28 -0.79
N SER A 154 -18.25 -15.26 -1.01
N SER A 154 -18.27 -15.23 -0.96
N SER A 154 -18.25 -15.26 -1.01
N SER A 154 -18.27 -15.23 -0.96
CA SER A 154 -18.45 -14.16 -1.98
CA SER A 154 -18.45 -14.18 -1.99
CA SER A 154 -18.45 -14.16 -1.98
CA SER A 154 -18.45 -14.18 -1.99
C SER A 154 -17.09 -13.90 -2.60
C SER A 154 -17.09 -13.88 -2.60
C SER A 154 -17.09 -13.90 -2.60
C SER A 154 -17.09 -13.88 -2.60
N PRO A 155 -17.00 -13.61 -3.91
CA PRO A 155 -15.71 -13.48 -4.58
C PRO A 155 -15.07 -12.10 -4.37
N VAL A 156 -14.69 -11.86 -3.12
CA VAL A 156 -14.28 -10.51 -2.68
C VAL A 156 -13.13 -10.66 -1.68
N PHE A 157 -12.30 -9.63 -1.59
CA PHE A 157 -11.49 -9.42 -0.37
C PHE A 157 -11.56 -7.96 -0.01
N THR A 158 -11.27 -7.66 1.26
CA THR A 158 -11.34 -6.29 1.75
C THR A 158 -10.03 -5.93 2.45
N ALA A 159 -9.66 -4.69 2.28
CA ALA A 159 -8.50 -4.09 2.94
C ALA A 159 -8.95 -3.03 3.89
N ASP A 160 -8.56 -3.14 5.14
CA ASP A 160 -8.90 -2.22 6.22
C ASP A 160 -7.59 -1.89 6.92
N LEU A 161 -6.82 -1.00 6.33
CA LEU A 161 -5.50 -0.69 6.87
C LEU A 161 -5.65 0.32 7.98
N GLY A 162 -4.82 0.20 9.00
CA GLY A 162 -4.81 1.12 10.14
C GLY A 162 -3.84 2.26 9.94
N TYR A 163 -4.16 3.42 10.51
N TYR A 163 -4.16 3.42 10.51
N TYR A 163 -4.08 3.35 10.66
N TYR A 163 -4.08 3.35 10.66
CA TYR A 163 -3.22 4.54 10.70
CA TYR A 163 -3.22 4.54 10.70
CA TYR A 163 -3.17 4.51 10.77
CA TYR A 163 -3.17 4.51 10.77
C TYR A 163 -2.47 4.31 12.00
C TYR A 163 -2.46 4.31 12.00
C TYR A 163 -2.29 4.31 12.01
C TYR A 163 -2.30 4.30 12.01
N HIS A 164 -1.18 4.04 11.89
N HIS A 164 -1.18 4.04 11.89
N HIS A 164 -1.03 4.00 11.79
N HIS A 164 -1.02 4.01 11.79
CA HIS A 164 -0.30 3.80 13.06
CA HIS A 164 -0.30 3.80 13.06
CA HIS A 164 -0.04 3.72 12.86
CA HIS A 164 -0.04 3.72 12.87
C HIS A 164 -0.96 2.75 13.96
C HIS A 164 -0.96 2.75 13.96
C HIS A 164 -0.60 2.67 13.83
C HIS A 164 -0.60 2.66 13.84
N ALA A 165 -1.49 1.69 13.36
N ALA A 165 -1.49 1.69 13.36
N ALA A 165 -1.36 1.69 13.31
N ALA A 165 -1.35 1.69 13.31
CA ALA A 165 -2.21 0.64 14.10
CA ALA A 165 -2.21 0.64 14.10
CA ALA A 165 -2.11 0.69 14.09
CA ALA A 165 -2.11 0.69 14.08
C ALA A 165 -2.42 -0.52 13.17
C ALA A 165 -2.42 -0.52 13.17
C ALA A 165 -2.45 -0.50 13.19
C ALA A 165 -2.45 -0.50 13.19
N PRO A 166 -2.66 -1.71 13.73
CA PRO A 166 -3.05 -2.86 12.91
C PRO A 166 -4.42 -2.67 12.28
N GLY A 167 -4.62 -3.48 11.24
CA GLY A 167 -5.86 -3.54 10.46
C GLY A 167 -6.13 -4.95 10.05
N THR A 168 -6.94 -5.13 9.01
CA THR A 168 -7.45 -6.45 8.65
C THR A 168 -7.52 -6.61 7.15
N TYR A 169 -7.17 -7.79 6.66
CA TYR A 169 -7.54 -8.30 5.34
C TYR A 169 -8.54 -9.42 5.55
N ASN A 170 -9.72 -9.29 4.94
CA ASN A 170 -10.73 -10.36 4.95
C ASN A 170 -10.90 -10.89 3.54
N PHE A 171 -11.15 -12.19 3.45
CA PHE A 171 -11.41 -12.87 2.17
C PHE A 171 -12.76 -13.57 2.24
N GLY A 172 -13.63 -13.27 1.30
CA GLY A 172 -14.89 -13.98 1.10
C GLY A 172 -16.05 -13.39 1.80
N PHE A 173 -15.94 -12.27 2.50
CA PHE A 173 -17.09 -11.65 3.16
C PHE A 173 -16.77 -10.19 3.41
N ILE A 174 -17.83 -9.42 3.62
N ILE A 174 -17.84 -9.41 3.52
N ILE A 174 -17.83 -9.42 3.62
N ILE A 174 -17.84 -9.41 3.52
CA ILE A 174 -17.74 -7.98 3.94
CA ILE A 174 -17.85 -7.99 3.96
CA ILE A 174 -17.74 -7.98 3.94
CA ILE A 174 -17.85 -7.99 3.96
C ILE A 174 -18.24 -7.80 5.38
C ILE A 174 -18.19 -7.96 5.45
C ILE A 174 -18.24 -7.80 5.38
C ILE A 174 -18.19 -7.96 5.45
N ASP A 175 -17.33 -7.37 6.27
CA ASP A 175 -17.64 -7.16 7.69
C ASP A 175 -18.39 -5.85 7.82
N THR A 176 -19.71 -5.92 7.96
CA THR A 176 -20.54 -4.69 7.96
C THR A 176 -20.31 -3.91 9.25
N THR A 177 -19.58 -4.41 10.24
CA THR A 177 -19.25 -3.67 11.46
C THR A 177 -17.98 -2.83 11.29
N ALA A 178 -17.27 -3.01 10.17
CA ALA A 178 -15.91 -2.45 10.02
C ALA A 178 -15.96 -1.07 9.36
N TYR A 179 -17.11 -0.54 8.96
CA TYR A 179 -17.16 0.76 8.27
C TYR A 179 -18.41 1.50 8.71
N THR A 180 -18.47 2.79 8.44
CA THR A 180 -19.61 3.67 8.77
C THR A 180 -20.32 3.95 7.46
N GLY A 181 -21.60 4.28 7.53
CA GLY A 181 -22.35 4.65 6.34
C GLY A 181 -22.45 3.48 5.38
N SER A 182 -22.46 3.80 4.10
N SER A 182 -22.47 3.82 4.09
N SER A 182 -22.46 3.80 4.10
N SER A 182 -22.47 3.82 4.09
CA SER A 182 -22.62 2.81 3.02
CA SER A 182 -22.63 2.87 2.97
CA SER A 182 -22.62 2.81 3.02
CA SER A 182 -22.63 2.87 2.97
C SER A 182 -21.31 2.69 2.21
C SER A 182 -21.28 2.67 2.25
C SER A 182 -21.31 2.69 2.21
C SER A 182 -21.28 2.67 2.25
N ILE A 183 -21.19 1.59 1.48
CA ILE A 183 -20.05 1.36 0.59
C ILE A 183 -20.46 1.91 -0.76
N THR A 184 -19.64 2.77 -1.38
CA THR A 184 -19.88 3.24 -2.74
C THR A 184 -19.01 2.45 -3.68
N TYR A 185 -19.62 1.78 -4.64
CA TYR A 185 -18.90 0.98 -5.63
C TYR A 185 -18.62 1.78 -6.89
N THR A 186 -17.54 1.52 -7.53
CA THR A 186 -17.07 2.24 -8.72
C THR A 186 -16.45 1.26 -9.69
N ALA A 187 -16.51 1.56 -10.97
CA ALA A 187 -16.04 0.68 -12.04
C ALA A 187 -14.54 0.47 -12.01
N VAL A 188 -14.14 -0.69 -12.45
CA VAL A 188 -12.71 -1.09 -12.57
C VAL A 188 -12.40 -1.41 -14.01
N SER A 189 -11.26 -0.97 -14.50
CA SER A 189 -10.65 -1.47 -15.74
C SER A 189 -9.57 -2.47 -15.35
N THR A 190 -9.59 -3.66 -15.92
CA THR A 190 -8.52 -4.65 -15.74
C THR A 190 -7.52 -4.64 -16.91
N LYS A 191 -7.62 -3.68 -17.82
CA LYS A 191 -6.82 -3.64 -19.07
C LYS A 191 -5.33 -3.59 -18.79
N GLN A 192 -4.87 -3.02 -17.68
CA GLN A 192 -3.45 -2.99 -17.31
C GLN A 192 -3.12 -3.99 -16.20
N GLY A 193 -4.06 -4.84 -15.83
CA GLY A 193 -3.86 -5.86 -14.78
C GLY A 193 -4.03 -5.32 -13.38
N PHE A 194 -4.39 -4.08 -13.22
CA PHE A 194 -4.51 -3.44 -11.88
C PHE A 194 -5.96 -3.26 -11.50
N TRP A 195 -6.20 -2.96 -10.21
CA TRP A 195 -7.49 -2.45 -9.72
C TRP A 195 -7.55 -0.97 -10.06
N GLU A 196 -7.83 -0.66 -11.35
CA GLU A 196 -7.76 0.70 -11.90
C GLU A 196 -9.16 1.27 -11.95
N TRP A 197 -9.33 2.47 -11.45
CA TRP A 197 -10.61 3.13 -11.29
C TRP A 197 -10.44 4.62 -11.54
N THR A 198 -11.53 5.34 -11.50
CA THR A 198 -11.52 6.80 -11.76
C THR A 198 -12.16 7.53 -10.60
N SER A 199 -11.36 8.25 -9.84
CA SER A 199 -11.91 9.13 -8.81
C SER A 199 -12.61 10.32 -9.47
N THR A 200 -13.59 10.85 -8.80
CA THR A 200 -14.42 11.96 -9.30
C THR A 200 -13.89 13.32 -8.89
N GLY A 201 -12.82 13.42 -8.07
CA GLY A 201 -12.21 14.72 -7.83
C GLY A 201 -11.60 14.81 -6.44
N TYR A 202 -11.31 16.01 -6.00
CA TYR A 202 -10.61 16.15 -4.75
C TYR A 202 -10.92 17.47 -4.10
N ALA A 203 -10.60 17.56 -2.82
CA ALA A 203 -10.60 18.85 -2.10
C ALA A 203 -9.36 18.88 -1.21
N VAL A 204 -8.89 20.07 -0.92
CA VAL A 204 -7.76 20.30 0.00
C VAL A 204 -8.30 20.94 1.28
N GLY A 205 -8.13 20.33 2.42
CA GLY A 205 -8.64 20.89 3.66
C GLY A 205 -10.13 21.15 3.58
N SER A 206 -10.53 22.34 4.02
N SER A 206 -10.52 22.34 4.02
N SER A 206 -10.53 22.34 4.02
N SER A 206 -10.52 22.34 4.02
CA SER A 206 -11.95 22.75 4.03
CA SER A 206 -11.93 22.83 4.05
CA SER A 206 -11.95 22.75 4.03
CA SER A 206 -11.93 22.83 4.05
C SER A 206 -12.31 23.43 2.71
C SER A 206 -12.32 23.42 2.70
C SER A 206 -12.31 23.43 2.71
C SER A 206 -12.32 23.42 2.70
N GLY A 207 -11.44 23.35 1.69
CA GLY A 207 -11.69 23.95 0.38
C GLY A 207 -12.83 23.30 -0.38
N THR A 208 -13.24 23.95 -1.47
CA THR A 208 -14.34 23.44 -2.28
C THR A 208 -13.84 22.20 -3.05
N PHE A 209 -14.75 21.32 -3.33
CA PHE A 209 -14.43 20.10 -4.06
C PHE A 209 -14.28 20.44 -5.54
N LYS A 210 -13.23 19.98 -6.15
CA LYS A 210 -12.98 20.09 -7.59
C LYS A 210 -13.42 18.80 -8.28
N SER A 211 -14.41 18.90 -9.16
CA SER A 211 -14.88 17.74 -9.93
C SER A 211 -13.94 17.54 -11.09
N THR A 212 -13.22 16.46 -11.12
CA THR A 212 -12.27 16.14 -12.17
C THR A 212 -11.97 14.65 -12.14
N SER A 213 -11.86 14.01 -13.27
CA SER A 213 -11.62 12.55 -13.37
C SER A 213 -10.16 12.28 -13.12
N ILE A 214 -9.83 11.42 -12.16
CA ILE A 214 -8.44 11.02 -11.88
C ILE A 214 -8.38 9.50 -11.94
N ASP A 215 -7.86 8.98 -13.04
N ASP A 215 -7.85 8.99 -13.03
N ASP A 215 -7.86 8.98 -13.04
N ASP A 215 -7.85 8.99 -13.03
CA ASP A 215 -7.66 7.52 -13.25
CA ASP A 215 -7.67 7.54 -13.23
CA ASP A 215 -7.66 7.52 -13.25
CA ASP A 215 -7.67 7.54 -13.23
C ASP A 215 -6.48 7.09 -12.38
C ASP A 215 -6.48 7.09 -12.37
C ASP A 215 -6.48 7.09 -12.38
C ASP A 215 -6.48 7.09 -12.37
N GLY A 216 -6.63 6.04 -11.60
CA GLY A 216 -5.48 5.52 -10.84
C GLY A 216 -5.73 4.14 -10.34
N ILE A 217 -4.78 3.59 -9.61
CA ILE A 217 -4.91 2.20 -9.15
C ILE A 217 -4.99 2.18 -7.63
N ALA A 218 -5.73 1.22 -7.09
CA ALA A 218 -5.80 0.96 -5.64
C ALA A 218 -4.67 0.01 -5.36
N ASP A 219 -3.61 0.46 -4.67
CA ASP A 219 -2.37 -0.31 -4.55
C ASP A 219 -1.93 -0.34 -3.09
N THR A 220 -2.24 -1.43 -2.40
CA THR A 220 -1.85 -1.58 -1.00
C THR A 220 -0.35 -1.69 -0.86
N GLY A 221 0.39 -2.03 -1.91
CA GLY A 221 1.84 -2.20 -1.85
C GLY A 221 2.62 -0.95 -2.11
N THR A 222 1.97 0.16 -2.32
CA THR A 222 2.60 1.49 -2.44
C THR A 222 2.30 2.29 -1.17
N THR A 223 3.30 2.92 -0.59
CA THR A 223 3.11 3.63 0.68
C THR A 223 2.25 4.87 0.52
N LEU A 224 2.60 5.68 -0.46
CA LEU A 224 2.12 7.07 -0.58
C LEU A 224 0.99 7.20 -1.60
N LEU A 225 0.44 8.40 -1.67
CA LEU A 225 -0.58 8.80 -2.63
C LEU A 225 0.09 9.58 -3.74
N TYR A 226 0.05 9.06 -4.97
CA TYR A 226 0.72 9.68 -6.12
C TYR A 226 -0.35 10.18 -7.09
N LEU A 227 -0.41 11.48 -7.30
CA LEU A 227 -1.50 12.13 -8.09
C LEU A 227 -0.89 13.11 -9.05
N PRO A 228 -1.68 13.62 -10.01
CA PRO A 228 -1.13 14.54 -11.02
C PRO A 228 -0.50 15.75 -10.37
N ALA A 229 0.50 16.33 -11.03
CA ALA A 229 1.26 17.45 -10.46
C ALA A 229 0.36 18.64 -10.15
N THR A 230 -0.69 18.87 -10.91
CA THR A 230 -1.62 19.99 -10.61
C THR A 230 -2.26 19.83 -9.24
N VAL A 231 -2.73 18.61 -8.97
CA VAL A 231 -3.45 18.30 -7.71
C VAL A 231 -2.46 18.42 -6.57
N VAL A 232 -1.29 17.86 -6.72
CA VAL A 232 -0.27 17.83 -5.65
C VAL A 232 0.18 19.24 -5.33
N SER A 233 0.42 20.06 -6.37
CA SER A 233 0.80 21.49 -6.14
C SER A 233 -0.30 22.21 -5.37
N ALA A 234 -1.57 22.01 -5.73
CA ALA A 234 -2.69 22.63 -5.02
C ALA A 234 -2.69 22.24 -3.54
N TYR A 235 -2.38 20.98 -3.23
CA TYR A 235 -2.33 20.54 -1.82
C TYR A 235 -1.20 21.24 -1.09
N TRP A 236 0.03 21.15 -1.61
CA TRP A 236 1.19 21.64 -0.83
C TRP A 236 1.24 23.17 -0.80
N ALA A 237 0.53 23.85 -1.68
CA ALA A 237 0.42 25.32 -1.65
C ALA A 237 -0.28 25.74 -0.35
N GLN A 238 -1.04 24.86 0.30
CA GLN A 238 -1.74 25.21 1.55
C GLN A 238 -0.86 24.96 2.75
N VAL A 239 0.41 24.61 2.62
CA VAL A 239 1.31 24.31 3.75
C VAL A 239 2.45 25.31 3.64
N SER A 240 2.56 26.22 4.61
N SER A 240 2.56 26.22 4.61
N SER A 240 2.56 26.22 4.61
N SER A 240 2.56 26.22 4.61
CA SER A 240 3.62 27.26 4.64
CA SER A 240 3.59 27.28 4.58
CA SER A 240 3.62 27.26 4.64
CA SER A 240 3.59 27.28 4.58
C SER A 240 4.99 26.58 4.58
C SER A 240 4.98 26.61 4.59
C SER A 240 4.99 26.58 4.58
C SER A 240 4.97 26.62 4.59
N GLY A 241 5.80 26.96 3.61
CA GLY A 241 7.17 26.49 3.50
C GLY A 241 7.32 25.14 2.83
N ALA A 242 6.24 24.53 2.36
CA ALA A 242 6.38 23.26 1.61
C ALA A 242 6.96 23.54 0.24
N LYS A 243 7.75 22.61 -0.25
CA LYS A 243 8.38 22.79 -1.57
C LYS A 243 8.68 21.42 -2.09
N SER A 244 8.83 21.35 -3.40
CA SER A 244 9.34 20.14 -4.07
C SER A 244 10.86 20.22 -4.11
N SER A 245 11.53 19.23 -3.57
CA SER A 245 12.98 19.11 -3.46
C SER A 245 13.48 18.02 -4.43
N SER A 246 14.21 18.43 -5.47
N SER A 246 14.20 18.42 -5.47
N SER A 246 14.21 18.43 -5.47
N SER A 246 14.20 18.42 -5.47
CA SER A 246 14.86 17.50 -6.42
CA SER A 246 14.86 17.50 -6.42
CA SER A 246 14.86 17.50 -6.42
CA SER A 246 14.86 17.50 -6.42
C SER A 246 15.88 16.63 -5.68
C SER A 246 15.88 16.63 -5.68
C SER A 246 15.88 16.63 -5.68
C SER A 246 15.88 16.63 -5.68
N SER A 247 16.58 17.21 -4.69
CA SER A 247 17.61 16.48 -3.91
C SER A 247 16.99 15.39 -3.04
N VAL A 248 15.84 15.64 -2.45
CA VAL A 248 15.18 14.65 -1.56
C VAL A 248 14.32 13.70 -2.39
N GLY A 249 13.78 14.16 -3.51
CA GLY A 249 12.94 13.35 -4.40
C GLY A 249 11.46 13.52 -4.16
N GLY A 250 11.01 14.70 -3.77
CA GLY A 250 9.58 14.99 -3.68
C GLY A 250 9.33 16.19 -2.81
N TYR A 251 8.08 16.41 -2.54
CA TYR A 251 7.61 17.46 -1.62
C TYR A 251 8.03 17.17 -0.20
N VAL A 252 8.59 18.20 0.39
CA VAL A 252 8.95 18.26 1.83
C VAL A 252 8.25 19.46 2.43
N PHE A 253 8.15 19.43 3.75
CA PHE A 253 7.42 20.49 4.46
C PHE A 253 8.04 20.65 5.82
N PRO A 254 7.88 21.82 6.47
N PRO A 254 7.88 21.82 6.47
N PRO A 254 7.92 21.86 6.42
N PRO A 254 7.92 21.86 6.42
CA PRO A 254 8.41 21.96 7.82
CA PRO A 254 8.41 21.96 7.82
CA PRO A 254 8.55 22.13 7.71
CA PRO A 254 8.54 22.12 7.72
C PRO A 254 7.74 20.99 8.78
C PRO A 254 7.74 20.99 8.78
C PRO A 254 7.93 21.15 8.70
C PRO A 254 7.92 21.14 8.71
N CYS A 255 8.55 20.32 9.59
N CYS A 255 8.55 20.32 9.59
N CYS A 255 8.75 20.51 9.55
N CYS A 255 8.73 20.51 9.55
CA CYS A 255 7.99 19.34 10.54
CA CYS A 255 7.99 19.34 10.54
CA CYS A 255 8.24 19.55 10.57
CA CYS A 255 8.24 19.55 10.58
C CYS A 255 7.07 20.04 11.56
C CYS A 255 7.07 20.04 11.56
C CYS A 255 7.45 20.29 11.68
C CYS A 255 7.44 20.27 11.67
N SER A 256 7.23 21.36 11.73
N SER A 256 7.23 21.36 11.73
N SER A 256 7.42 21.62 11.67
N SER A 256 7.41 21.61 11.68
CA SER A 256 6.40 22.19 12.64
CA SER A 256 6.40 22.19 12.64
CA SER A 256 6.57 22.42 12.60
CA SER A 256 6.57 22.42 12.60
C SER A 256 5.02 22.46 12.05
C SER A 256 5.02 22.46 12.05
C SER A 256 5.12 22.46 12.13
C SER A 256 5.12 22.46 12.13
N ALA A 257 4.73 22.02 10.83
N ALA A 257 4.73 22.02 10.83
N ALA A 257 4.86 22.16 10.85
N ALA A 257 4.86 22.16 10.85
CA ALA A 257 3.44 22.31 10.17
CA ALA A 257 3.44 22.31 10.17
CA ALA A 257 3.53 22.34 10.23
CA ALA A 257 3.53 22.35 10.22
C ALA A 257 2.32 21.46 10.75
C ALA A 257 2.32 21.46 10.75
C ALA A 257 2.51 21.32 10.72
C ALA A 257 2.51 21.32 10.72
N THR A 258 1.11 21.99 10.65
N THR A 258 1.11 21.99 10.65
N THR A 258 1.26 21.76 10.91
N THR A 258 1.26 21.76 10.90
CA THR A 258 -0.15 21.23 10.80
CA THR A 258 -0.15 21.23 10.80
CA THR A 258 0.05 20.90 10.91
CA THR A 258 0.05 20.90 10.91
C THR A 258 -0.72 20.97 9.41
C THR A 258 -0.72 20.97 9.41
C THR A 258 -0.51 20.90 9.48
C THR A 258 -0.51 20.90 9.48
N LEU A 259 -0.75 19.72 8.95
CA LEU A 259 -1.16 19.48 7.53
C LEU A 259 -2.67 19.51 7.39
N PRO A 260 -3.16 20.02 6.27
CA PRO A 260 -4.58 19.95 5.94
C PRO A 260 -4.94 18.52 5.52
N SER A 261 -6.24 18.23 5.62
CA SER A 261 -6.74 16.98 5.08
C SER A 261 -6.74 17.00 3.56
N PHE A 262 -6.97 15.85 2.98
CA PHE A 262 -7.14 15.70 1.54
C PHE A 262 -8.33 14.81 1.31
N THR A 263 -9.29 15.26 0.51
CA THR A 263 -10.49 14.47 0.20
C THR A 263 -10.41 13.97 -1.23
N PHE A 264 -10.77 12.71 -1.48
CA PHE A 264 -10.92 12.22 -2.86
C PHE A 264 -12.37 11.71 -3.07
N GLY A 265 -12.84 11.83 -4.29
CA GLY A 265 -14.19 11.41 -4.63
C GLY A 265 -14.22 9.98 -5.12
N VAL A 266 -15.28 9.29 -4.67
CA VAL A 266 -15.67 7.94 -5.17
C VAL A 266 -17.13 8.07 -5.59
N GLY A 267 -17.35 8.21 -6.89
CA GLY A 267 -18.72 8.57 -7.32
C GLY A 267 -19.12 9.84 -6.60
N SER A 268 -20.32 9.90 -6.05
N SER A 268 -20.33 9.86 -6.04
N SER A 268 -20.32 9.90 -6.05
N SER A 268 -20.33 9.86 -6.04
CA SER A 268 -20.85 11.07 -5.30
CA SER A 268 -20.90 11.00 -5.30
CA SER A 268 -20.85 11.07 -5.30
CA SER A 268 -20.90 11.00 -5.30
C SER A 268 -20.36 11.06 -3.84
C SER A 268 -20.36 11.05 -3.86
C SER A 268 -20.36 11.06 -3.84
C SER A 268 -20.36 11.05 -3.86
N ALA A 269 -19.65 10.00 -3.43
CA ALA A 269 -19.14 9.89 -2.08
C ALA A 269 -17.74 10.54 -1.94
N ARG A 270 -17.33 10.70 -0.71
CA ARG A 270 -16.06 11.42 -0.39
C ARG A 270 -15.33 10.64 0.68
N ILE A 271 -14.04 10.44 0.49
CA ILE A 271 -13.16 9.86 1.52
C ILE A 271 -12.21 10.94 1.97
N VAL A 272 -12.15 11.17 3.26
CA VAL A 272 -11.28 12.22 3.83
C VAL A 272 -10.05 11.59 4.45
N ILE A 273 -8.88 11.99 3.95
CA ILE A 273 -7.57 11.59 4.51
C ILE A 273 -7.18 12.67 5.51
N PRO A 274 -7.14 12.39 6.83
CA PRO A 274 -6.73 13.40 7.78
C PRO A 274 -5.31 13.85 7.46
N GLY A 275 -5.02 15.13 7.79
CA GLY A 275 -3.68 15.69 7.59
C GLY A 275 -2.56 14.87 8.19
N ASP A 276 -2.78 14.31 9.38
N ASP A 276 -2.73 14.28 9.38
N ASP A 276 -2.79 14.30 9.38
N ASP A 276 -2.73 14.28 9.38
CA ASP A 276 -1.72 13.53 10.06
CA ASP A 276 -1.57 13.58 9.98
CA ASP A 276 -1.72 13.53 10.06
CA ASP A 276 -1.57 13.58 9.98
C ASP A 276 -1.28 12.34 9.20
C ASP A 276 -1.27 12.27 9.24
C ASP A 276 -1.28 12.34 9.20
C ASP A 276 -1.27 12.27 9.24
N TYR A 277 -2.18 11.78 8.40
CA TYR A 277 -1.85 10.62 7.57
C TYR A 277 -0.80 10.95 6.50
N ILE A 278 -0.63 12.25 6.21
N ILE A 278 -0.63 12.25 6.21
N ILE A 278 -0.68 12.24 6.18
N ILE A 278 -0.68 12.24 6.18
CA ILE A 278 0.20 12.75 5.09
CA ILE A 278 0.20 12.75 5.09
CA ILE A 278 0.18 12.74 5.07
CA ILE A 278 0.17 12.73 5.06
C ILE A 278 1.62 13.07 5.60
C ILE A 278 1.62 13.07 5.60
C ILE A 278 1.57 13.09 5.62
C ILE A 278 1.57 13.09 5.62
N ASP A 279 1.86 12.92 6.91
N ASP A 279 1.86 12.92 6.91
N ASP A 279 1.79 12.93 6.94
N ASP A 279 1.79 12.93 6.93
CA ASP A 279 3.20 13.21 7.50
CA ASP A 279 3.20 13.21 7.50
CA ASP A 279 3.09 13.27 7.57
CA ASP A 279 3.09 13.27 7.57
C ASP A 279 4.05 11.93 7.51
C ASP A 279 4.05 11.93 7.51
C ASP A 279 3.96 12.01 7.65
C ASP A 279 3.96 12.01 7.65
N PHE A 280 5.17 11.93 6.77
N PHE A 280 5.17 11.93 6.77
N PHE A 280 5.10 11.97 6.94
N PHE A 280 5.10 11.98 6.94
CA PHE A 280 6.10 10.77 6.72
CA PHE A 280 6.10 10.77 6.72
CA PHE A 280 6.03 10.81 6.94
CA PHE A 280 6.03 10.81 6.94
C PHE A 280 7.41 11.13 7.40
C PHE A 280 7.41 11.13 7.40
C PHE A 280 7.32 11.15 7.70
C PHE A 280 7.31 11.16 7.71
N GLY A 281 7.41 12.14 8.24
N GLY A 281 7.41 12.14 8.24
N GLY A 281 7.26 12.24 8.47
N GLY A 281 7.26 12.24 8.47
CA GLY A 281 8.47 12.32 9.23
CA GLY A 281 8.47 12.32 9.23
CA GLY A 281 8.29 12.57 9.45
CA GLY A 281 8.30 12.57 9.46
C GLY A 281 9.73 12.89 8.61
C GLY A 281 9.73 12.89 8.61
C GLY A 281 9.60 13.03 8.81
C GLY A 281 9.60 13.03 8.82
N PRO A 282 10.75 13.11 9.46
N PRO A 282 10.75 13.11 9.46
N PRO A 282 10.61 13.29 9.67
N PRO A 282 10.61 13.29 9.67
CA PRO A 282 11.98 13.75 9.01
CA PRO A 282 11.98 13.75 9.01
CA PRO A 282 11.91 13.82 9.23
CA PRO A 282 11.91 13.82 9.23
C PRO A 282 12.59 13.04 7.81
C PRO A 282 12.59 13.04 7.81
C PRO A 282 12.56 13.03 8.10
C PRO A 282 12.56 13.03 8.10
N ILE A 283 13.18 13.82 6.92
N ILE A 283 13.18 13.82 6.92
N ILE A 283 13.09 13.74 7.09
N ILE A 283 13.09 13.74 7.09
CA ILE A 283 13.81 13.26 5.70
CA ILE A 283 13.81 13.26 5.70
CA ILE A 283 13.68 13.13 5.86
CA ILE A 283 13.69 13.13 5.85
C ILE A 283 15.04 12.45 6.11
C ILE A 283 15.04 12.45 6.11
C ILE A 283 14.94 12.34 6.22
C ILE A 283 14.94 12.34 6.22
N SER A 284 15.67 12.80 7.22
CA SER A 284 16.80 12.10 7.81
C SER A 284 16.70 12.33 9.28
N THR A 285 17.29 11.43 10.09
CA THR A 285 17.14 11.50 11.52
C THR A 285 17.53 12.89 12.04
N GLY A 286 16.69 13.52 12.85
CA GLY A 286 16.90 14.82 13.46
C GLY A 286 16.62 16.04 12.58
N SER A 287 16.26 15.81 11.30
CA SER A 287 15.96 16.93 10.38
C SER A 287 14.66 17.62 10.77
N SER A 288 14.58 18.90 10.54
CA SER A 288 13.30 19.63 10.66
C SER A 288 12.56 19.72 9.32
N SER A 289 13.03 19.03 8.29
N SER A 289 13.03 19.03 8.29
N SER A 289 13.07 19.07 8.27
N SER A 289 13.08 19.09 8.26
CA SER A 289 12.28 18.90 7.02
CA SER A 289 12.32 18.90 7.00
CA SER A 289 12.35 18.89 6.98
CA SER A 289 12.37 18.92 6.97
C SER A 289 11.64 17.53 7.04
C SER A 289 11.65 17.54 7.03
C SER A 289 11.68 17.53 7.00
C SER A 289 11.70 17.56 6.98
N CYS A 290 10.33 17.50 6.80
N CYS A 290 10.34 17.51 6.80
N CYS A 290 10.38 17.51 6.74
N CYS A 290 10.39 17.51 6.75
CA CYS A 290 9.53 16.28 6.84
CA CYS A 290 9.53 16.28 6.84
CA CYS A 290 9.53 16.30 6.82
CA CYS A 290 9.54 16.31 6.83
C CYS A 290 9.08 15.92 5.42
C CYS A 290 9.08 15.92 5.42
C CYS A 290 9.07 15.90 5.42
C CYS A 290 9.07 15.90 5.42
N PHE A 291 8.91 14.63 5.19
N PHE A 291 8.91 14.63 5.19
N PHE A 291 8.99 14.60 5.17
N PHE A 291 8.99 14.60 5.17
CA PHE A 291 8.56 14.13 3.85
CA PHE A 291 8.56 14.13 3.85
CA PHE A 291 8.60 14.09 3.83
CA PHE A 291 8.60 14.09 3.83
C PHE A 291 7.04 14.01 3.71
C PHE A 291 7.04 14.01 3.71
C PHE A 291 7.07 14.01 3.71
C PHE A 291 7.07 14.01 3.71
N GLY A 292 6.54 14.52 2.59
CA GLY A 292 5.10 14.49 2.36
C GLY A 292 4.55 13.15 1.89
N GLY A 293 3.32 12.89 2.26
CA GLY A 293 2.64 11.67 1.88
C GLY A 293 1.83 11.71 0.60
N ILE A 294 1.74 12.89 0.02
CA ILE A 294 1.09 13.10 -1.27
C ILE A 294 2.21 13.60 -2.18
N GLN A 295 2.45 12.91 -3.29
CA GLN A 295 3.57 13.19 -4.21
C GLN A 295 3.07 13.14 -5.63
N SER A 296 3.83 13.75 -6.53
CA SER A 296 3.43 13.77 -7.95
C SER A 296 3.63 12.39 -8.56
N SER A 297 2.69 12.02 -9.42
CA SER A 297 2.82 10.81 -10.25
C SER A 297 3.49 11.09 -11.58
N ALA A 298 3.95 12.32 -11.83
N ALA A 298 3.92 12.32 -11.85
N ALA A 298 3.95 12.32 -11.83
N ALA A 298 3.92 12.32 -11.85
CA ALA A 298 4.64 12.67 -13.08
CA ALA A 298 4.36 12.71 -13.21
CA ALA A 298 4.64 12.67 -13.08
CA ALA A 298 4.36 12.71 -13.21
C ALA A 298 5.93 11.84 -13.18
C ALA A 298 5.47 11.78 -13.73
C ALA A 298 5.93 11.84 -13.18
C ALA A 298 5.47 11.78 -13.73
N GLY A 299 6.04 11.08 -14.27
N GLY A 299 6.37 11.30 -12.86
N GLY A 299 6.04 11.08 -14.27
N GLY A 299 6.37 11.30 -12.86
CA GLY A 299 7.19 10.22 -14.58
CA GLY A 299 7.52 10.44 -13.25
CA GLY A 299 7.19 10.22 -14.58
CA GLY A 299 7.52 10.44 -13.25
C GLY A 299 6.87 8.78 -14.24
C GLY A 299 7.15 8.97 -13.35
C GLY A 299 6.87 8.78 -14.24
C GLY A 299 7.15 8.97 -13.35
N ILE A 300 5.86 8.53 -13.40
N ILE A 300 5.88 8.60 -13.12
N ILE A 300 5.86 8.53 -13.40
N ILE A 300 5.88 8.60 -13.12
CA ILE A 300 5.47 7.14 -13.02
CA ILE A 300 5.43 7.17 -12.98
CA ILE A 300 5.47 7.14 -13.02
CA ILE A 300 5.43 7.17 -12.98
C ILE A 300 4.52 6.61 -14.08
C ILE A 300 4.67 6.68 -14.21
C ILE A 300 4.52 6.61 -14.08
C ILE A 300 4.67 6.68 -14.21
N GLY A 301 3.77 7.49 -14.76
CA GLY A 301 2.88 7.11 -15.86
C GLY A 301 1.55 6.57 -15.39
N ILE A 302 1.28 6.54 -14.07
CA ILE A 302 -0.04 6.18 -13.52
C ILE A 302 -0.19 6.86 -12.15
N ASN A 303 -1.41 7.18 -11.82
CA ASN A 303 -1.74 7.67 -10.47
C ASN A 303 -1.91 6.48 -9.56
N ILE A 304 -1.48 6.64 -8.33
CA ILE A 304 -1.48 5.49 -7.37
C ILE A 304 -2.16 5.91 -6.09
N PHE A 305 -3.29 5.28 -5.79
CA PHE A 305 -3.96 5.38 -4.49
C PHE A 305 -3.33 4.32 -3.62
N GLY A 306 -2.19 4.69 -3.01
CA GLY A 306 -1.47 3.83 -2.08
C GLY A 306 -2.03 3.91 -0.67
N ASP A 307 -1.22 3.43 0.26
CA ASP A 307 -1.69 3.23 1.63
C ASP A 307 -2.20 4.52 2.26
N VAL A 308 -1.58 5.66 2.00
CA VAL A 308 -2.06 6.95 2.54
C VAL A 308 -3.53 7.14 2.27
N ALA A 309 -3.94 6.88 1.05
CA ALA A 309 -5.36 6.97 0.69
C ALA A 309 -6.18 5.80 1.23
N LEU A 310 -5.70 4.58 0.99
CA LEU A 310 -6.52 3.40 1.30
C LEU A 310 -6.78 3.26 2.79
N LYS A 311 -5.82 3.66 3.63
N LYS A 311 -5.83 3.66 3.64
N LYS A 311 -5.82 3.66 3.63
N LYS A 311 -5.83 3.66 3.64
CA LYS A 311 -5.96 3.48 5.10
CA LYS A 311 -6.02 3.44 5.08
CA LYS A 311 -5.96 3.48 5.10
CA LYS A 311 -6.02 3.44 5.09
C LYS A 311 -7.07 4.40 5.63
C LYS A 311 -7.07 4.40 5.64
C LYS A 311 -7.07 4.41 5.63
C LYS A 311 -7.08 4.41 5.65
N ALA A 312 -7.49 5.42 4.89
CA ALA A 312 -8.64 6.28 5.31
C ALA A 312 -9.98 5.62 5.02
N ALA A 313 -10.00 4.46 4.39
CA ALA A 313 -11.26 3.82 3.94
C ALA A 313 -11.26 2.35 4.30
N PHE A 314 -12.47 1.79 4.25
CA PHE A 314 -12.69 0.35 4.15
C PHE A 314 -12.85 0.04 2.66
N VAL A 315 -12.01 -0.79 2.09
CA VAL A 315 -11.93 -0.93 0.65
C VAL A 315 -12.31 -2.36 0.26
N VAL A 316 -13.27 -2.50 -0.63
CA VAL A 316 -13.75 -3.78 -1.15
C VAL A 316 -13.19 -4.02 -2.53
N PHE A 317 -12.44 -5.09 -2.70
CA PHE A 317 -11.90 -5.57 -3.99
C PHE A 317 -12.86 -6.67 -4.42
N ASN A 318 -13.81 -6.29 -5.30
CA ASN A 318 -14.87 -7.20 -5.76
C ASN A 318 -14.44 -7.91 -7.01
N GLY A 319 -14.12 -9.19 -6.90
CA GLY A 319 -13.64 -10.04 -8.00
C GLY A 319 -14.75 -10.81 -8.70
N ALA A 320 -15.95 -10.31 -8.68
CA ALA A 320 -17.04 -10.84 -9.54
C ALA A 320 -16.61 -10.77 -11.00
N THR A 321 -17.41 -11.45 -11.85
CA THR A 321 -17.07 -11.57 -13.31
C THR A 321 -16.75 -10.19 -13.91
N THR A 322 -17.52 -9.17 -13.55
CA THR A 322 -17.12 -7.77 -13.79
C THR A 322 -16.60 -7.18 -12.47
N PRO A 323 -15.27 -7.05 -12.30
CA PRO A 323 -14.77 -6.54 -11.01
C PRO A 323 -15.18 -5.09 -10.76
N THR A 324 -15.32 -4.74 -9.48
CA THR A 324 -15.55 -3.37 -9.07
C THR A 324 -14.75 -3.11 -7.79
N LEU A 325 -14.58 -1.84 -7.43
N LEU A 325 -14.79 -1.87 -7.32
N LEU A 325 -14.58 -1.84 -7.43
N LEU A 325 -14.79 -1.87 -7.32
CA LEU A 325 -14.03 -1.42 -6.12
CA LEU A 325 -14.01 -1.41 -6.15
CA LEU A 325 -14.03 -1.42 -6.12
CA LEU A 325 -14.01 -1.41 -6.15
C LEU A 325 -15.13 -0.78 -5.30
C LEU A 325 -14.94 -0.59 -5.26
C LEU A 325 -15.13 -0.78 -5.30
C LEU A 325 -14.94 -0.59 -5.26
N GLY A 326 -15.11 -0.98 -4.00
CA GLY A 326 -15.98 -0.30 -3.08
C GLY A 326 -15.18 0.49 -2.06
N PHE A 327 -15.62 1.66 -1.69
CA PHE A 327 -15.02 2.46 -0.63
C PHE A 327 -16.05 2.91 0.35
N ALA A 328 -15.77 2.78 1.63
CA ALA A 328 -16.59 3.32 2.72
C ALA A 328 -15.68 4.10 3.66
N SER A 329 -16.24 5.08 4.31
CA SER A 329 -15.59 5.73 5.46
C SER A 329 -15.59 4.76 6.64
N LYS A 330 -14.77 5.04 7.67
CA LYS A 330 -14.72 4.14 8.83
C LYS A 330 -14.27 4.90 10.07
N1 A1CDT B . 12.23 -0.78 -1.48
N1 A1CDT B . 12.23 -0.78 -1.48
C5 A1CDT B . 9.41 -3.40 -1.23
C5 A1CDT B . 9.41 -3.40 -1.23
C7 A1CDT B . 8.16 -3.43 -1.97
C7 A1CDT B . 8.16 -3.43 -1.97
C8 A1CDT B . 6.92 -3.51 -1.40
C8 A1CDT B . 6.92 -3.51 -1.40
C10 A1CDT B . 6.38 -3.37 -3.63
C10 A1CDT B . 6.38 -3.37 -3.63
C2 A1CDT B . 12.04 -1.80 -0.41
C2 A1CDT B . 12.04 -1.80 -0.41
C3 A1CDT B . 11.84 -3.15 -1.08
C3 A1CDT B . 11.84 -3.15 -1.08
C9 A1CDT B . 5.89 -3.49 -2.39
C9 A1CDT B . 5.89 -3.49 -2.39
N4 A1CDT B . 10.63 -3.18 -1.87
N4 A1CDT B . 10.63 -3.18 -1.87
O6 A1CDT B . 9.37 -3.54 0.01
O6 A1CDT B . 9.37 -3.54 0.01
S11 A1CDT B . 8.08 -3.32 -3.67
S11 A1CDT B . 8.08 -3.32 -3.67
N1 A1CDT C . 5.26 17.11 12.54
N1 A1CDT C . 5.26 17.10 12.55
C5 A1CDT C . 6.75 12.78 12.78
C5 A1CDT C . 6.75 12.79 12.79
C7 A1CDT C . 6.20 11.47 12.44
C7 A1CDT C . 6.20 11.47 12.44
C8 A1CDT C . 5.53 11.12 11.30
C8 A1CDT C . 5.54 11.12 11.31
C10 A1CDT C . 5.49 9.13 12.48
C10 A1CDT C . 5.50 9.14 12.48
C2 A1CDT C . 5.86 16.03 13.38
C2 A1CDT C . 5.86 16.05 13.38
C3 A1CDT C . 6.84 15.26 12.48
C3 A1CDT C . 6.85 15.26 12.48
C9 A1CDT C . 5.12 9.73 11.33
C9 A1CDT C . 5.13 9.74 11.33
N4 A1CDT C . 6.34 13.94 12.12
N4 A1CDT C . 6.33 13.94 12.13
O6 A1CDT C . 7.56 12.84 13.72
O6 A1CDT C . 7.56 12.84 13.72
S11 A1CDT C . 6.32 10.18 13.50
S11 A1CDT C . 6.33 10.18 13.51
#